data_6H1Q
#
_entry.id   6H1Q
#
_cell.length_a   74.913
_cell.length_b   103.793
_cell.length_c   67.758
_cell.angle_alpha   90.000
_cell.angle_beta   95.829
_cell.angle_gamma   90.000
#
_symmetry.space_group_name_H-M   'C 1 2 1'
#
loop_
_entity.id
_entity.type
_entity.pdbx_description
1 polymer 'Fimbrial adhesin'
2 non-polymer GLYCEROL
3 non-polymer 'PHOSPHATE ION'
4 water water
#
_entity_poly.entity_id   1
_entity_poly.type   'polypeptide(L)'
_entity_poly.pdbx_seq_one_letter_code
;IADPLVVTPPPMNFDGAADGTPAGTPITSTWIGETSVHNGFKCEKKFLQKCWVETLYANATGSKISGIYYYEGSNRYPVY
SLPGVKGIGYAFGLKDNNDSVAYVPIDVDNGSGATVIYPAVGSTVNHNVDRVSLKGKVVFVVTDKHLETGVYNIPYTVIA
NTWSEYGGGHKGNNTSIVAINPVTITAHHHHHH
;
_entity_poly.pdbx_strand_id   A,B
#
# COMPACT_ATOMS: atom_id res chain seq x y z
N ILE A 1 -20.69 8.27 -11.92
CA ILE A 1 -19.99 9.50 -12.26
C ILE A 1 -18.66 9.61 -11.51
N ALA A 2 -17.73 10.39 -12.06
CA ALA A 2 -16.41 10.55 -11.47
C ALA A 2 -15.99 12.01 -11.51
N ASP A 3 -15.46 12.48 -10.41
CA ASP A 3 -14.97 13.87 -10.33
C ASP A 3 -13.49 13.92 -10.61
N PRO A 4 -13.00 14.75 -11.54
CA PRO A 4 -11.55 14.87 -11.71
C PRO A 4 -10.84 15.22 -10.41
N LEU A 5 -9.63 14.67 -10.23
CA LEU A 5 -8.82 15.03 -9.06
C LEU A 5 -7.71 15.97 -9.53
N VAL A 6 -7.79 17.24 -9.13
CA VAL A 6 -6.86 18.28 -9.56
C VAL A 6 -6.12 18.75 -8.30
N VAL A 7 -4.89 18.29 -8.13
CA VAL A 7 -4.11 18.68 -6.96
C VAL A 7 -3.67 20.13 -7.13
N THR A 8 -3.64 20.86 -6.03
CA THR A 8 -3.46 22.32 -6.06
C THR A 8 -2.28 22.73 -5.17
N PRO A 9 -1.05 22.52 -5.65
CA PRO A 9 0.11 22.96 -4.89
C PRO A 9 0.14 24.46 -4.71
N PRO A 10 0.71 24.94 -3.61
CA PRO A 10 0.91 26.37 -3.41
C PRO A 10 2.15 26.83 -4.15
N PRO A 11 2.32 28.14 -4.28
CA PRO A 11 3.55 28.66 -4.89
C PRO A 11 4.77 28.22 -4.11
N MET A 12 5.88 28.03 -4.82
CA MET A 12 7.11 27.55 -4.24
C MET A 12 8.24 28.55 -4.44
N ASN A 13 9.10 28.62 -3.44
CA ASN A 13 10.34 29.37 -3.52
C ASN A 13 11.49 28.42 -3.23
N PHE A 14 12.46 28.36 -4.14
CA PHE A 14 13.58 27.44 -4.02
C PHE A 14 14.88 28.23 -4.07
N ASP A 15 15.70 28.06 -3.03
CA ASP A 15 17.04 28.64 -2.96
C ASP A 15 18.05 27.49 -3.02
N GLY A 16 18.74 27.35 -4.14
CA GLY A 16 19.69 26.27 -4.31
C GLY A 16 20.76 26.24 -3.22
N THR A 21 23.14 22.35 -7.14
CA THR A 21 21.99 21.57 -6.65
C THR A 21 21.84 20.28 -7.45
N PRO A 22 22.12 19.14 -6.82
CA PRO A 22 22.12 17.88 -7.59
C PRO A 22 20.72 17.49 -8.06
N ALA A 23 20.69 16.79 -9.20
CA ALA A 23 19.43 16.23 -9.69
C ALA A 23 18.84 15.30 -8.63
N GLY A 24 17.53 15.34 -8.48
CA GLY A 24 16.86 14.62 -7.43
C GLY A 24 16.60 15.42 -6.17
N THR A 25 17.09 16.65 -6.07
CA THR A 25 16.82 17.48 -4.90
C THR A 25 15.36 17.89 -4.92
N PRO A 26 14.58 17.61 -3.88
CA PRO A 26 13.18 18.07 -3.85
C PRO A 26 13.12 19.57 -3.67
N ILE A 27 12.11 20.18 -4.29
CA ILE A 27 11.92 21.62 -4.19
C ILE A 27 11.40 22.00 -2.81
N THR A 28 10.60 21.13 -2.20
CA THR A 28 10.06 21.34 -0.86
C THR A 28 10.45 20.17 0.05
N SER A 29 10.38 20.41 1.36
CA SER A 29 10.83 19.43 2.33
C SER A 29 9.85 18.25 2.49
N THR A 30 8.63 18.37 1.99
CA THR A 30 7.77 17.19 1.90
C THR A 30 6.74 17.44 0.81
N TRP A 31 5.77 16.54 0.71
CA TRP A 31 4.75 16.63 -0.31
C TRP A 31 3.89 17.86 -0.09
N ILE A 32 3.28 18.34 -1.19
CA ILE A 32 2.43 19.52 -1.17
C ILE A 32 1.20 19.29 -2.03
N GLY A 33 0.27 20.24 -1.96
CA GLY A 33 -0.92 20.18 -2.80
C GLY A 33 -1.86 19.03 -2.52
N GLU A 34 -1.91 18.54 -1.28
CA GLU A 34 -2.80 17.43 -1.00
C GLU A 34 -4.25 17.85 -1.17
N THR A 35 -5.01 17.05 -1.91
CA THR A 35 -6.36 17.37 -2.36
C THR A 35 -7.18 16.10 -2.35
N SER A 36 -8.43 16.18 -1.89
N SER A 36 -8.44 16.18 -1.98
CA SER A 36 -9.34 15.05 -1.86
CA SER A 36 -9.26 14.98 -2.04
C SER A 36 -10.61 15.36 -2.66
C SER A 36 -10.66 15.31 -2.56
N VAL A 37 -11.27 14.32 -3.20
CA VAL A 37 -12.61 14.43 -3.75
C VAL A 37 -13.50 13.36 -3.14
N HIS A 38 -14.67 13.78 -2.64
CA HIS A 38 -15.60 12.83 -2.02
C HIS A 38 -16.05 11.81 -3.03
N ASN A 39 -16.34 12.25 -4.24
N ASN A 39 -16.46 12.26 -4.22
CA ASN A 39 -16.90 11.43 -5.29
CA ASN A 39 -16.91 11.36 -5.28
C ASN A 39 -15.82 11.14 -6.34
C ASN A 39 -15.79 11.18 -6.30
N GLY A 40 -14.85 10.31 -5.97
CA GLY A 40 -13.81 9.95 -6.91
C GLY A 40 -14.40 9.16 -8.06
N PHE A 41 -15.03 8.04 -7.70
CA PHE A 41 -15.82 7.23 -8.62
C PHE A 41 -17.06 6.80 -7.85
N LYS A 42 -18.24 6.99 -8.44
CA LYS A 42 -19.48 6.52 -7.85
C LYS A 42 -20.28 5.84 -8.95
N CYS A 43 -20.65 4.58 -8.73
N CYS A 43 -20.61 4.57 -8.76
CA CYS A 43 -21.49 3.85 -9.68
CA CYS A 43 -21.47 3.90 -9.73
C CYS A 43 -22.94 4.28 -9.53
C CYS A 43 -22.89 4.40 -9.55
N GLU A 44 -23.63 4.43 -10.65
CA GLU A 44 -25.04 4.83 -10.66
C GLU A 44 -25.90 3.60 -10.87
N LYS A 45 -26.68 3.25 -9.85
CA LYS A 45 -27.45 2.03 -9.92
C LYS A 45 -28.61 2.17 -10.88
N LYS A 46 -28.93 1.07 -11.56
CA LYS A 46 -30.18 0.99 -12.29
C LYS A 46 -31.33 0.88 -11.30
N PHE A 47 -32.52 1.28 -11.74
CA PHE A 47 -33.70 1.29 -10.88
C PHE A 47 -33.92 -0.09 -10.29
N LEU A 48 -34.05 -0.14 -8.97
CA LEU A 48 -34.32 -1.35 -8.19
C LEU A 48 -33.14 -2.32 -8.16
N GLN A 49 -31.98 -1.92 -8.64
CA GLN A 49 -30.82 -2.78 -8.58
C GLN A 49 -29.78 -2.18 -7.63
N LYS A 50 -28.65 -2.89 -7.52
CA LYS A 50 -27.57 -2.51 -6.63
C LYS A 50 -26.28 -2.59 -7.43
N CYS A 51 -25.39 -1.63 -7.19
N CYS A 51 -25.37 -1.66 -7.17
CA CYS A 51 -24.08 -1.57 -7.82
CA CYS A 51 -24.06 -1.71 -7.81
C CYS A 51 -23.00 -1.30 -6.78
C CYS A 51 -23.00 -1.32 -6.79
N TRP A 52 -21.77 -1.66 -7.13
CA TRP A 52 -20.63 -1.40 -6.26
C TRP A 52 -19.39 -1.22 -7.14
N VAL A 53 -18.34 -0.70 -6.52
CA VAL A 53 -17.05 -0.54 -7.19
C VAL A 53 -16.26 -1.83 -6.99
N GLU A 54 -15.83 -2.44 -8.09
CA GLU A 54 -15.00 -3.65 -7.97
C GLU A 54 -13.51 -3.31 -8.00
N THR A 55 -13.09 -2.50 -8.96
CA THR A 55 -11.68 -2.17 -9.15
C THR A 55 -11.59 -0.78 -9.74
N LEU A 56 -10.57 -0.03 -9.32
CA LEU A 56 -10.21 1.22 -10.00
C LEU A 56 -8.76 1.13 -10.48
N TYR A 57 -8.51 1.73 -11.64
CA TYR A 57 -7.19 1.75 -12.25
C TYR A 57 -6.71 3.17 -12.47
N ALA A 58 -5.39 3.35 -12.39
CA ALA A 58 -4.75 4.60 -12.77
C ALA A 58 -3.58 4.28 -13.70
N ASN A 59 -3.50 5.01 -14.81
CA ASN A 59 -2.37 4.94 -15.72
C ASN A 59 -1.65 6.29 -15.67
N ALA A 60 -0.40 6.29 -15.22
CA ALA A 60 0.37 7.54 -15.21
C ALA A 60 0.69 7.93 -16.64
N THR A 61 0.45 9.20 -16.98
CA THR A 61 0.62 9.65 -18.35
C THR A 61 2.01 10.22 -18.63
N GLY A 62 2.82 10.48 -17.60
CA GLY A 62 4.08 11.15 -17.79
C GLY A 62 5.22 10.22 -18.26
N SER A 63 6.30 10.86 -18.67
CA SER A 63 7.51 10.19 -19.13
C SER A 63 8.50 10.16 -17.97
N LYS A 64 8.87 8.96 -17.54
CA LYS A 64 9.81 8.87 -16.42
C LYS A 64 11.19 9.38 -16.80
N ILE A 65 11.85 10.00 -15.81
CA ILE A 65 13.25 10.39 -15.93
C ILE A 65 14.10 9.29 -15.32
N SER A 66 14.91 8.65 -16.16
CA SER A 66 15.68 7.50 -15.69
C SER A 66 16.64 7.90 -14.58
N GLY A 67 16.66 7.11 -13.50
CA GLY A 67 17.65 7.27 -12.47
C GLY A 67 17.33 8.32 -11.42
N ILE A 68 16.22 9.03 -11.54
CA ILE A 68 15.81 10.04 -10.56
C ILE A 68 14.53 9.57 -9.88
N TYR A 69 14.52 9.59 -8.55
CA TYR A 69 13.39 9.09 -7.79
C TYR A 69 13.13 10.01 -6.60
N TYR A 70 11.96 9.83 -5.98
CA TYR A 70 11.60 10.47 -4.73
C TYR A 70 11.38 9.36 -3.70
N TYR A 71 12.13 9.40 -2.60
CA TYR A 71 12.09 8.32 -1.61
C TYR A 71 11.31 8.70 -0.36
N GLU A 72 10.52 7.76 0.16
CA GLU A 72 9.87 7.92 1.45
C GLU A 72 9.81 6.54 2.09
N GLY A 73 10.56 6.34 3.17
CA GLY A 73 10.61 5.03 3.79
C GLY A 73 11.19 4.02 2.83
N SER A 74 10.50 2.90 2.66
CA SER A 74 10.91 1.88 1.71
C SER A 74 10.31 2.10 0.32
N ASN A 75 9.58 3.20 0.12
CA ASN A 75 8.93 3.48 -1.15
C ASN A 75 9.81 4.32 -2.03
N ARG A 76 9.87 3.95 -3.32
CA ARG A 76 10.65 4.69 -4.31
C ARG A 76 9.69 5.13 -5.40
N TYR A 77 9.43 6.44 -5.45
CA TYR A 77 8.48 7.01 -6.42
C TYR A 77 9.20 7.43 -7.70
N PRO A 78 8.68 7.06 -8.87
CA PRO A 78 9.22 7.61 -10.11
C PRO A 78 9.10 9.13 -10.14
N VAL A 79 10.01 9.76 -10.90
CA VAL A 79 9.93 11.19 -11.18
C VAL A 79 9.74 11.36 -12.67
N TYR A 80 8.82 12.24 -13.05
CA TYR A 80 8.42 12.46 -14.43
C TYR A 80 8.83 13.85 -14.88
N SER A 81 9.11 14.00 -16.17
CA SER A 81 9.27 15.32 -16.75
C SER A 81 7.92 16.02 -16.87
N LEU A 82 7.98 17.34 -16.92
CA LEU A 82 6.81 18.21 -17.05
C LEU A 82 6.76 18.80 -18.44
N PRO A 83 5.77 18.48 -19.27
CA PRO A 83 5.68 19.14 -20.58
C PRO A 83 5.71 20.66 -20.46
N GLY A 84 6.62 21.28 -21.21
CA GLY A 84 6.77 22.72 -21.21
C GLY A 84 7.81 23.23 -20.24
N VAL A 85 8.36 22.37 -19.38
CA VAL A 85 9.28 22.80 -18.32
C VAL A 85 10.56 21.98 -18.41
N LYS A 86 11.69 22.67 -18.46
CA LYS A 86 13.01 22.01 -18.46
C LYS A 86 13.63 22.11 -17.08
N GLY A 87 14.09 20.99 -16.54
CA GLY A 87 14.91 21.00 -15.34
C GLY A 87 14.17 20.76 -14.03
N ILE A 88 12.85 20.66 -14.07
CA ILE A 88 12.05 20.36 -12.90
C ILE A 88 11.06 19.27 -13.30
N GLY A 89 10.94 18.24 -12.47
CA GLY A 89 9.92 17.23 -12.68
C GLY A 89 9.09 17.00 -11.44
N TYR A 90 8.32 15.92 -11.40
CA TYR A 90 7.44 15.69 -10.25
C TYR A 90 7.33 14.20 -9.95
N ALA A 91 7.03 13.92 -8.68
CA ALA A 91 6.51 12.64 -8.22
C ALA A 91 5.12 12.90 -7.64
N PHE A 92 4.29 11.86 -7.56
CA PHE A 92 2.95 12.06 -7.03
C PHE A 92 2.48 10.84 -6.25
N GLY A 93 1.52 11.11 -5.38
CA GLY A 93 0.84 10.06 -4.62
C GLY A 93 -0.64 10.12 -4.89
N LEU A 94 -1.27 8.94 -5.05
CA LEU A 94 -2.67 8.82 -5.39
C LEU A 94 -3.26 7.64 -4.63
N LYS A 95 -4.33 7.84 -3.88
CA LYS A 95 -4.83 6.71 -3.11
C LYS A 95 -6.32 6.84 -2.82
N ASP A 96 -6.90 5.69 -2.42
CA ASP A 96 -8.19 5.62 -1.77
C ASP A 96 -8.16 6.45 -0.48
N ASN A 97 -9.08 7.39 -0.38
CA ASN A 97 -9.17 8.32 0.75
C ASN A 97 -9.92 7.62 1.90
N ASN A 98 -9.36 6.49 2.30
CA ASN A 98 -9.72 5.73 3.49
C ASN A 98 -8.59 5.89 4.49
N ASP A 99 -8.93 6.19 5.75
CA ASP A 99 -7.90 6.45 6.75
C ASP A 99 -7.03 5.22 7.05
N SER A 100 -7.42 4.04 6.60
CA SER A 100 -6.60 2.83 6.77
C SER A 100 -5.65 2.57 5.60
N VAL A 101 -5.66 3.43 4.59
CA VAL A 101 -4.89 3.21 3.36
C VAL A 101 -3.72 4.19 3.34
N ALA A 102 -2.53 3.65 3.10
CA ALA A 102 -1.30 4.40 2.99
C ALA A 102 -1.09 4.88 1.56
N TYR A 103 -0.26 5.92 1.40
CA TYR A 103 0.24 6.24 0.09
C TYR A 103 1.39 5.29 -0.28
N VAL A 104 1.35 4.79 -1.51
CA VAL A 104 2.43 3.97 -2.08
C VAL A 104 2.54 4.32 -3.57
N PRO A 105 3.71 4.08 -4.15
CA PRO A 105 3.89 4.44 -5.57
C PRO A 105 3.02 3.61 -6.52
N ILE A 106 2.51 4.27 -7.55
CA ILE A 106 1.98 3.56 -8.70
C ILE A 106 2.99 3.59 -9.84
N ASP A 107 2.68 2.89 -10.92
CA ASP A 107 3.51 2.89 -12.12
C ASP A 107 4.93 2.44 -11.81
N VAL A 108 5.06 1.39 -10.99
CA VAL A 108 6.36 0.80 -10.67
C VAL A 108 6.36 -0.69 -11.00
N ASP A 109 7.43 -1.14 -11.63
CA ASP A 109 7.57 -2.54 -12.04
C ASP A 109 6.36 -3.01 -12.85
N GLY A 113 0.32 -1.99 -18.19
CA GLY A 113 0.61 -0.58 -18.10
C GLY A 113 -0.01 0.13 -16.90
N ALA A 114 -1.27 -0.16 -16.59
CA ALA A 114 -1.96 0.57 -15.56
C ALA A 114 -1.85 -0.13 -14.20
N THR A 115 -2.11 0.63 -13.16
CA THR A 115 -1.97 0.19 -11.78
C THR A 115 -3.34 0.14 -11.09
N VAL A 116 -3.61 -0.96 -10.39
CA VAL A 116 -4.76 -1.02 -9.49
C VAL A 116 -4.54 -0.04 -8.35
N ILE A 117 -5.51 0.88 -8.14
CA ILE A 117 -5.48 1.75 -6.98
C ILE A 117 -6.60 1.42 -5.98
N TYR A 118 -7.63 0.65 -6.37
CA TYR A 118 -8.71 0.28 -5.46
C TYR A 118 -9.11 -1.13 -5.91
N PRO A 119 -9.23 -2.11 -5.00
CA PRO A 119 -8.90 -2.08 -3.59
C PRO A 119 -7.41 -1.87 -3.34
N ALA A 120 -7.12 -1.25 -2.19
CA ALA A 120 -5.80 -1.16 -1.61
C ALA A 120 -5.82 -1.88 -0.28
N VAL A 121 -4.65 -2.15 0.28
CA VAL A 121 -4.61 -2.68 1.65
C VAL A 121 -5.25 -1.63 2.54
N GLY A 122 -6.27 -2.04 3.30
CA GLY A 122 -6.98 -1.12 4.16
C GLY A 122 -8.30 -0.60 3.61
N SER A 123 -8.56 -0.79 2.33
CA SER A 123 -9.80 -0.33 1.74
C SER A 123 -10.99 -1.09 2.31
N THR A 124 -12.17 -0.45 2.25
CA THR A 124 -13.43 -1.13 2.49
C THR A 124 -13.89 -1.77 1.18
N VAL A 125 -14.20 -3.06 1.24
CA VAL A 125 -14.54 -3.85 0.05
C VAL A 125 -15.78 -4.67 0.38
N ASN A 126 -16.92 -4.26 -0.18
CA ASN A 126 -18.15 -5.02 -0.08
C ASN A 126 -19.13 -4.43 -1.09
N HIS A 127 -20.26 -5.09 -1.24
CA HIS A 127 -21.24 -4.69 -2.24
C HIS A 127 -22.03 -3.45 -1.86
N ASN A 128 -21.76 -2.87 -0.70
CA ASN A 128 -22.33 -1.57 -0.35
C ASN A 128 -21.38 -0.41 -0.66
N VAL A 129 -20.20 -0.68 -1.21
CA VAL A 129 -19.26 0.38 -1.54
C VAL A 129 -19.60 0.83 -2.96
N ASP A 130 -20.51 1.80 -3.07
CA ASP A 130 -20.85 2.35 -4.38
C ASP A 130 -20.02 3.58 -4.72
N ARG A 131 -19.17 4.01 -3.80
CA ARG A 131 -18.41 5.25 -3.96
C ARG A 131 -17.04 5.11 -3.33
N VAL A 132 -16.02 5.50 -4.09
CA VAL A 132 -14.65 5.59 -3.60
C VAL A 132 -14.21 7.05 -3.68
N SER A 133 -13.74 7.57 -2.57
CA SER A 133 -13.13 8.89 -2.50
C SER A 133 -11.65 8.76 -2.82
N LEU A 134 -11.09 9.77 -3.50
CA LEU A 134 -9.69 9.73 -3.90
C LEU A 134 -8.95 10.94 -3.34
N LYS A 135 -7.68 10.73 -3.04
CA LYS A 135 -6.82 11.78 -2.50
C LYS A 135 -5.47 11.72 -3.19
N GLY A 136 -4.88 12.90 -3.46
CA GLY A 136 -3.60 12.97 -4.14
C GLY A 136 -2.75 14.10 -3.60
N LYS A 137 -1.45 14.02 -3.92
CA LYS A 137 -0.47 15.02 -3.53
C LYS A 137 0.71 14.91 -4.49
N VAL A 138 1.59 15.91 -4.45
N VAL A 138 1.55 15.94 -4.51
CA VAL A 138 2.66 16.02 -5.44
CA VAL A 138 2.66 16.01 -5.45
C VAL A 138 3.90 16.60 -4.79
C VAL A 138 3.90 16.58 -4.77
N VAL A 139 5.05 16.33 -5.38
CA VAL A 139 6.29 16.96 -4.98
C VAL A 139 7.10 17.22 -6.25
N PHE A 140 7.73 18.38 -6.32
CA PHE A 140 8.53 18.75 -7.47
C PHE A 140 10.00 18.54 -7.15
N VAL A 141 10.76 18.11 -8.16
CA VAL A 141 12.12 17.61 -8.00
C VAL A 141 13.00 18.22 -9.08
N VAL A 142 14.19 18.68 -8.68
CA VAL A 142 15.18 19.18 -9.63
C VAL A 142 15.70 18.01 -10.46
N THR A 143 15.68 18.16 -11.78
CA THR A 143 16.15 17.10 -12.67
C THR A 143 17.37 17.50 -13.47
N ASP A 144 17.75 18.78 -13.44
CA ASP A 144 18.96 19.29 -14.11
C ASP A 144 19.83 19.91 -13.03
N LYS A 145 21.07 19.44 -12.92
CA LYS A 145 21.96 19.99 -11.91
C LYS A 145 22.36 21.42 -12.21
N HIS A 146 22.03 21.93 -13.40
CA HIS A 146 22.35 23.30 -13.79
C HIS A 146 21.09 24.13 -13.97
N LEU A 147 20.13 23.94 -13.08
CA LEU A 147 18.84 24.61 -13.20
C LEU A 147 19.01 26.12 -13.18
N GLU A 148 18.52 26.78 -14.22
CA GLU A 148 18.58 28.22 -14.32
C GLU A 148 17.75 28.88 -13.23
N THR A 149 18.24 30.00 -12.70
CA THR A 149 17.40 30.80 -11.82
C THR A 149 16.31 31.48 -12.62
N GLY A 150 15.18 31.73 -11.97
CA GLY A 150 14.11 32.48 -12.58
C GLY A 150 12.77 31.96 -12.14
N VAL A 151 11.74 32.33 -12.90
CA VAL A 151 10.36 32.00 -12.57
C VAL A 151 9.90 30.88 -13.50
N TYR A 152 9.54 29.74 -12.91
CA TYR A 152 9.04 28.59 -13.64
C TYR A 152 7.53 28.55 -13.49
N ASN A 153 6.81 28.64 -14.59
CA ASN A 153 5.36 28.55 -14.58
C ASN A 153 4.99 27.14 -15.04
N ILE A 154 4.60 26.31 -14.09
CA ILE A 154 4.19 24.94 -14.39
C ILE A 154 2.80 24.99 -14.99
N PRO A 155 2.61 24.53 -16.22
CA PRO A 155 1.26 24.58 -16.81
C PRO A 155 0.36 23.52 -16.18
N TYR A 156 -0.94 23.73 -16.34
CA TYR A 156 -1.90 22.65 -16.08
C TYR A 156 -1.44 21.37 -16.76
N THR A 157 -1.34 20.28 -15.99
CA THR A 157 -0.72 19.06 -16.49
C THR A 157 -1.52 17.84 -16.06
N VAL A 158 -2.09 17.10 -17.02
CA VAL A 158 -2.71 15.83 -16.65
C VAL A 158 -1.61 14.82 -16.36
N ILE A 159 -1.69 14.16 -15.21
CA ILE A 159 -0.66 13.21 -14.80
C ILE A 159 -1.15 11.78 -14.72
N ALA A 160 -2.45 11.54 -14.77
CA ALA A 160 -2.92 10.17 -14.85
C ALA A 160 -4.30 10.11 -15.45
N ASN A 161 -4.59 9.06 -16.21
N ASN A 161 -4.61 8.95 -16.02
CA ASN A 161 -5.96 8.76 -16.53
CA ASN A 161 -5.89 8.61 -16.61
C ASN A 161 -6.39 7.62 -15.62
C ASN A 161 -6.48 7.44 -15.82
N THR A 162 -7.64 7.66 -15.20
CA THR A 162 -8.21 6.69 -14.27
C THR A 162 -9.49 6.12 -14.86
N TRP A 163 -9.85 4.92 -14.40
CA TRP A 163 -11.10 4.34 -14.85
C TRP A 163 -11.58 3.28 -13.88
N SER A 164 -12.84 2.89 -14.06
CA SER A 164 -13.51 2.00 -13.14
C SER A 164 -13.89 0.66 -13.76
N GLU A 165 -14.00 -0.35 -12.90
N GLU A 165 -14.07 -0.33 -12.88
CA GLU A 165 -14.78 -1.55 -13.16
CA GLU A 165 -14.79 -1.57 -13.18
C GLU A 165 -15.82 -1.63 -12.05
C GLU A 165 -15.84 -1.77 -12.08
N TYR A 166 -17.09 -1.44 -12.41
CA TYR A 166 -18.19 -1.51 -11.46
C TYR A 166 -18.84 -2.89 -11.52
N GLY A 167 -19.45 -3.30 -10.40
CA GLY A 167 -20.21 -4.52 -10.35
C GLY A 167 -21.69 -4.26 -10.14
N GLY A 168 -22.49 -5.31 -10.35
CA GLY A 168 -23.92 -5.21 -10.15
C GLY A 168 -24.62 -4.51 -11.30
N GLY A 169 -25.75 -3.87 -10.98
CA GLY A 169 -26.55 -3.23 -11.99
C GLY A 169 -26.33 -1.73 -12.03
N HIS A 170 -25.46 -1.29 -12.94
CA HIS A 170 -25.03 0.09 -13.00
C HIS A 170 -25.22 0.61 -14.42
N LYS A 171 -25.10 1.93 -14.55
CA LYS A 171 -25.40 2.61 -15.79
C LYS A 171 -24.17 2.83 -16.65
N GLY A 172 -23.03 2.29 -16.26
CA GLY A 172 -21.85 2.33 -17.09
C GLY A 172 -20.62 2.71 -16.30
N ASN A 173 -19.47 2.25 -16.76
CA ASN A 173 -18.22 2.61 -16.12
C ASN A 173 -17.85 4.05 -16.46
N ASN A 174 -16.93 4.59 -15.68
CA ASN A 174 -16.46 5.95 -15.83
C ASN A 174 -14.98 5.97 -16.11
N THR A 175 -14.54 7.05 -16.74
CA THR A 175 -13.14 7.41 -16.81
C THR A 175 -12.99 8.79 -16.18
N SER A 176 -11.79 9.09 -15.71
CA SER A 176 -11.51 10.40 -15.17
C SER A 176 -10.02 10.69 -15.29
N ILE A 177 -9.56 11.72 -14.59
CA ILE A 177 -8.18 12.17 -14.67
C ILE A 177 -7.67 12.59 -13.29
N VAL A 178 -6.34 12.64 -13.19
CA VAL A 178 -5.63 13.36 -12.14
C VAL A 178 -4.76 14.40 -12.83
N ALA A 179 -4.75 15.62 -12.31
CA ALA A 179 -4.04 16.72 -12.93
C ALA A 179 -3.43 17.62 -11.86
N ILE A 180 -2.41 18.36 -12.25
CA ILE A 180 -1.81 19.41 -11.43
C ILE A 180 -2.32 20.75 -11.93
N ASN A 181 -2.93 21.52 -11.03
CA ASN A 181 -3.30 22.91 -11.26
C ASN A 181 -2.02 23.75 -11.49
N PRO A 182 -2.07 24.76 -12.37
CA PRO A 182 -0.87 25.58 -12.60
C PRO A 182 -0.29 26.08 -11.28
N VAL A 183 1.04 26.17 -11.23
CA VAL A 183 1.76 26.63 -10.05
C VAL A 183 3.08 27.24 -10.49
N THR A 184 3.57 28.17 -9.68
CA THR A 184 4.82 28.86 -9.93
CA THR A 184 4.83 28.84 -9.95
C THR A 184 5.91 28.39 -8.97
N ILE A 185 7.11 28.19 -9.48
CA ILE A 185 8.30 27.91 -8.69
C ILE A 185 9.29 29.03 -8.97
N THR A 186 9.66 29.78 -7.96
CA THR A 186 10.66 30.83 -8.12
C THR A 186 11.99 30.26 -7.64
N ALA A 187 12.96 30.18 -8.54
CA ALA A 187 14.26 29.61 -8.25
C ALA A 187 15.27 30.73 -8.14
N HIS A 188 15.95 30.81 -6.99
CA HIS A 188 17.05 31.75 -6.79
C HIS A 188 18.35 30.98 -6.67
N ILE B 1 -6.61 -24.34 -2.36
CA ILE B 1 -5.82 -24.60 -1.19
C ILE B 1 -4.93 -23.42 -0.82
N ALA B 2 -4.49 -23.39 0.43
CA ALA B 2 -3.66 -22.30 0.92
CA ALA B 2 -3.66 -22.30 0.92
C ALA B 2 -2.53 -22.85 1.78
N ASP B 3 -1.33 -22.32 1.58
CA ASP B 3 -0.16 -22.72 2.37
C ASP B 3 0.02 -21.77 3.53
N PRO B 4 0.15 -22.24 4.77
CA PRO B 4 0.47 -21.33 5.88
C PRO B 4 1.74 -20.54 5.61
N LEU B 5 1.75 -19.28 6.06
CA LEU B 5 2.95 -18.45 5.95
C LEU B 5 3.60 -18.35 7.33
N VAL B 6 4.77 -18.98 7.48
CA VAL B 6 5.45 -19.05 8.78
C VAL B 6 6.77 -18.31 8.61
N VAL B 7 6.85 -17.10 9.13
CA VAL B 7 8.08 -16.32 9.02
C VAL B 7 9.12 -16.89 9.97
N THR B 8 10.38 -16.87 9.55
CA THR B 8 11.46 -17.57 10.24
C THR B 8 12.60 -16.62 10.58
N PRO B 9 12.42 -15.78 11.60
CA PRO B 9 13.51 -14.90 12.00
C PRO B 9 14.71 -15.68 12.47
N PRO B 10 15.90 -15.14 12.31
CA PRO B 10 17.12 -15.75 12.83
C PRO B 10 17.29 -15.42 14.30
N PRO B 11 18.21 -16.09 14.98
CA PRO B 11 18.50 -15.74 16.38
C PRO B 11 18.94 -14.29 16.49
N MET B 12 18.60 -13.68 17.63
CA MET B 12 18.91 -12.28 17.86
C MET B 12 19.77 -12.12 19.09
N ASN B 13 20.67 -11.14 19.02
CA ASN B 13 21.46 -10.69 20.15
C ASN B 13 21.21 -9.21 20.33
N PHE B 14 20.80 -8.83 21.53
CA PHE B 14 20.42 -7.47 21.83
C PHE B 14 21.27 -6.96 22.98
N ASP B 15 21.89 -5.80 22.78
CA ASP B 15 22.71 -5.15 23.80
C ASP B 15 21.96 -3.92 24.30
N GLY B 16 21.49 -4.00 25.55
CA GLY B 16 20.69 -2.93 26.13
C GLY B 16 21.34 -1.57 26.12
N THR B 21 17.13 1.33 28.11
CA THR B 21 16.57 1.08 26.79
C THR B 21 15.08 1.40 26.76
N PRO B 22 14.69 2.47 26.07
CA PRO B 22 13.29 2.89 26.09
C PRO B 22 12.36 1.93 25.37
N ALA B 23 11.12 1.87 25.84
CA ALA B 23 10.08 1.12 25.13
C ALA B 23 9.96 1.65 23.71
N GLY B 24 9.77 0.73 22.77
CA GLY B 24 9.78 1.06 21.36
C GLY B 24 11.10 0.87 20.65
N THR B 25 12.18 0.57 21.39
CA THR B 25 13.47 0.35 20.73
C THR B 25 13.41 -0.97 19.95
N PRO B 26 13.71 -0.97 18.66
CA PRO B 26 13.75 -2.23 17.92
C PRO B 26 14.93 -3.09 18.34
N ILE B 27 14.72 -4.41 18.33
CA ILE B 27 15.78 -5.35 18.67
C ILE B 27 16.81 -5.43 17.55
N THR B 28 16.39 -5.25 16.30
CA THR B 28 17.28 -5.25 15.15
C THR B 28 17.13 -3.95 14.37
N SER B 29 18.13 -3.64 13.54
CA SER B 29 18.15 -2.38 12.82
C SER B 29 17.17 -2.33 11.66
N THR B 30 16.66 -3.48 11.22
CA THR B 30 15.54 -3.45 10.29
C THR B 30 14.77 -4.75 10.44
N TRP B 31 13.83 -4.97 9.54
CA TRP B 31 13.00 -6.15 9.59
C TRP B 31 13.83 -7.41 9.35
N ILE B 32 13.31 -8.54 9.85
CA ILE B 32 13.98 -9.83 9.73
C ILE B 32 12.95 -10.90 9.40
N GLY B 33 13.46 -12.11 9.12
CA GLY B 33 12.60 -13.25 8.89
C GLY B 33 11.72 -13.17 7.68
N GLU B 34 12.15 -12.45 6.63
CA GLU B 34 11.32 -12.36 5.44
C GLU B 34 11.18 -13.72 4.77
N THR B 35 9.94 -14.09 4.47
CA THR B 35 9.56 -15.42 4.00
C THR B 35 8.44 -15.26 2.99
N SER B 36 8.47 -16.05 1.91
CA SER B 36 7.34 -16.03 0.99
CA SER B 36 7.45 -16.03 0.85
C SER B 36 6.92 -17.45 0.61
N VAL B 37 5.65 -17.56 0.23
CA VAL B 37 5.06 -18.81 -0.23
C VAL B 37 4.48 -18.60 -1.61
N HIS B 38 4.83 -19.49 -2.54
CA HIS B 38 4.33 -19.36 -3.90
C HIS B 38 2.81 -19.49 -3.93
N ASN B 39 2.29 -20.44 -3.15
N ASN B 39 2.29 -20.51 -3.24
CA ASN B 39 0.88 -20.78 -3.13
CA ASN B 39 0.85 -20.75 -3.17
C ASN B 39 0.26 -20.25 -1.83
C ASN B 39 0.34 -20.23 -1.83
N GLY B 40 0.12 -18.93 -1.77
CA GLY B 40 -0.53 -18.33 -0.60
C GLY B 40 -1.98 -18.75 -0.54
N PHE B 41 -2.71 -18.42 -1.61
CA PHE B 41 -4.08 -18.88 -1.81
C PHE B 41 -4.22 -19.25 -3.27
N LYS B 42 -4.77 -20.43 -3.54
CA LYS B 42 -5.05 -20.82 -4.92
C LYS B 42 -6.43 -21.43 -4.98
N CYS B 43 -7.29 -20.88 -5.83
N CYS B 43 -7.29 -20.90 -5.84
CA CYS B 43 -8.62 -21.45 -6.02
CA CYS B 43 -8.64 -21.46 -5.98
C CYS B 43 -8.53 -22.74 -6.84
C CYS B 43 -8.61 -22.68 -6.89
N GLU B 44 -9.42 -23.67 -6.54
CA GLU B 44 -9.50 -24.93 -7.27
C GLU B 44 -10.76 -24.91 -8.12
N LYS B 45 -10.57 -24.94 -9.43
CA LYS B 45 -11.69 -24.80 -10.34
C LYS B 45 -12.57 -26.05 -10.36
N LYS B 46 -13.86 -25.84 -10.53
CA LYS B 46 -14.76 -26.94 -10.84
C LYS B 46 -14.53 -27.42 -12.26
N PHE B 47 -14.96 -28.65 -12.51
CA PHE B 47 -14.76 -29.30 -13.79
C PHE B 47 -15.24 -28.43 -14.94
N LEU B 48 -14.33 -28.16 -15.87
CA LEU B 48 -14.58 -27.40 -17.09
C LEU B 48 -14.93 -25.93 -16.84
N GLN B 49 -14.74 -25.43 -15.64
CA GLN B 49 -15.04 -24.05 -15.29
C GLN B 49 -13.74 -23.29 -15.01
N LYS B 50 -13.90 -22.03 -14.63
CA LYS B 50 -12.79 -21.11 -14.40
C LYS B 50 -13.00 -20.40 -13.07
N CYS B 51 -11.91 -20.22 -12.32
N CYS B 51 -11.93 -20.18 -12.33
CA CYS B 51 -11.97 -19.54 -11.04
CA CYS B 51 -12.05 -19.43 -11.09
C CYS B 51 -10.84 -18.52 -10.93
C CYS B 51 -10.84 -18.54 -10.90
N TRP B 52 -11.02 -17.54 -10.03
CA TRP B 52 -9.98 -16.56 -9.76
C TRP B 52 -10.14 -16.09 -8.32
N VAL B 53 -9.11 -15.41 -7.83
CA VAL B 53 -9.13 -14.81 -6.51
C VAL B 53 -9.73 -13.41 -6.62
N GLU B 54 -10.79 -13.16 -5.84
CA GLU B 54 -11.37 -11.80 -5.84
C GLU B 54 -10.80 -10.93 -4.74
N THR B 55 -10.72 -11.45 -3.52
CA THR B 55 -10.26 -10.69 -2.36
C THR B 55 -9.61 -11.65 -1.39
N LEU B 56 -8.56 -11.18 -0.71
CA LEU B 56 -8.01 -11.87 0.45
C LEU B 56 -8.03 -10.94 1.66
N TYR B 57 -8.26 -11.52 2.82
CA TYR B 57 -8.35 -10.81 4.08
C TYR B 57 -7.35 -11.37 5.08
N ALA B 58 -6.83 -10.50 5.94
CA ALA B 58 -6.01 -10.91 7.09
C ALA B 58 -6.58 -10.23 8.33
N ASN B 59 -6.77 -11.01 9.38
CA ASN B 59 -7.15 -10.50 10.69
C ASN B 59 -5.98 -10.75 11.64
N ALA B 60 -5.38 -9.68 12.16
CA ALA B 60 -4.29 -9.84 13.12
C ALA B 60 -4.85 -10.34 14.44
N THR B 61 -4.21 -11.35 15.01
CA THR B 61 -4.72 -12.01 16.20
C THR B 61 -4.14 -11.44 17.49
N GLY B 62 -3.11 -10.61 17.41
CA GLY B 62 -2.43 -10.15 18.61
C GLY B 62 -3.13 -8.99 19.29
N SER B 63 -2.68 -8.72 20.51
CA SER B 63 -3.18 -7.64 21.34
C SER B 63 -2.24 -6.46 21.22
N LYS B 64 -2.74 -5.34 20.69
CA LYS B 64 -1.88 -4.18 20.54
C LYS B 64 -1.44 -3.60 21.88
N ILE B 65 -0.20 -3.11 21.90
CA ILE B 65 0.32 -2.36 23.04
C ILE B 65 0.12 -0.87 22.76
N SER B 66 -0.71 -0.23 23.57
CA SER B 66 -1.06 1.15 23.31
C SER B 66 0.17 2.03 23.36
N GLY B 67 0.32 2.90 22.36
CA GLY B 67 1.35 3.92 22.38
C GLY B 67 2.72 3.48 21.89
N ILE B 68 2.91 2.21 21.53
CA ILE B 68 4.18 1.72 21.00
C ILE B 68 3.97 1.33 19.56
N TYR B 69 4.85 1.82 18.69
CA TYR B 69 4.72 1.58 17.26
C TYR B 69 6.09 1.32 16.65
N TYR B 70 6.08 0.81 15.42
CA TYR B 70 7.27 0.65 14.59
C TYR B 70 7.06 1.50 13.34
N TYR B 71 7.97 2.44 13.10
CA TYR B 71 7.81 3.40 12.03
C TYR B 71 8.71 3.10 10.84
N GLU B 72 8.18 3.28 9.64
CA GLU B 72 8.98 3.19 8.43
C GLU B 72 8.40 4.18 7.43
N GLY B 73 9.15 5.24 7.13
CA GLY B 73 8.62 6.26 6.25
C GLY B 73 7.40 6.93 6.86
N SER B 74 6.32 7.01 6.09
CA SER B 74 5.06 7.51 6.61
C SER B 74 4.19 6.42 7.23
N ASN B 75 4.68 5.18 7.31
CA ASN B 75 3.89 4.08 7.83
C ASN B 75 4.13 3.91 9.32
N ARG B 76 3.05 3.69 10.07
CA ARG B 76 3.13 3.44 11.51
C ARG B 76 2.52 2.07 11.78
N TYR B 77 3.38 1.10 12.13
CA TYR B 77 2.93 -0.27 12.38
C TYR B 77 2.58 -0.46 13.84
N PRO B 78 1.42 -1.06 14.13
CA PRO B 78 1.13 -1.43 15.53
C PRO B 78 2.17 -2.42 16.05
N VAL B 79 2.34 -2.42 17.37
CA VAL B 79 3.18 -3.39 18.06
C VAL B 79 2.28 -4.20 18.98
N TYR B 80 2.46 -5.52 18.96
CA TYR B 80 1.64 -6.47 19.69
C TYR B 80 2.44 -7.15 20.79
N SER B 81 1.77 -7.53 21.87
CA SER B 81 2.40 -8.39 22.86
C SER B 81 2.54 -9.82 22.33
N LEU B 82 3.49 -10.55 22.91
CA LEU B 82 3.76 -11.95 22.56
C LEU B 82 3.27 -12.85 23.67
N PRO B 83 2.27 -13.69 23.45
CA PRO B 83 1.85 -14.62 24.51
C PRO B 83 3.03 -15.43 25.03
N GLY B 84 3.21 -15.40 26.36
CA GLY B 84 4.29 -16.12 26.99
C GLY B 84 5.55 -15.31 27.22
N VAL B 85 5.64 -14.08 26.69
CA VAL B 85 6.84 -13.28 26.76
C VAL B 85 6.51 -11.92 27.35
N LYS B 86 7.27 -11.52 28.37
CA LYS B 86 7.13 -10.20 28.98
C LYS B 86 8.24 -9.28 28.49
N GLY B 87 7.86 -8.10 28.02
CA GLY B 87 8.82 -7.05 27.76
C GLY B 87 9.29 -6.95 26.32
N ILE B 88 8.87 -7.86 25.47
CA ILE B 88 9.21 -7.83 24.05
C ILE B 88 7.94 -8.06 23.25
N GLY B 89 7.72 -7.24 22.23
CA GLY B 89 6.63 -7.46 21.31
C GLY B 89 7.06 -7.47 19.85
N TYR B 90 6.11 -7.36 18.93
CA TYR B 90 6.47 -7.45 17.52
C TYR B 90 5.57 -6.57 16.69
N ALA B 91 6.10 -6.14 15.55
CA ALA B 91 5.33 -5.63 14.42
C ALA B 91 5.59 -6.55 13.24
N PHE B 92 4.69 -6.53 12.27
CA PHE B 92 4.87 -7.42 11.12
C PHE B 92 4.39 -6.75 9.83
N GLY B 93 4.93 -7.27 8.74
CA GLY B 93 4.51 -6.89 7.39
C GLY B 93 4.03 -8.11 6.64
N LEU B 94 2.94 -7.94 5.89
CA LEU B 94 2.28 -9.02 5.16
C LEU B 94 1.77 -8.46 3.85
N LYS B 95 2.13 -9.06 2.72
CA LYS B 95 1.72 -8.47 1.45
C LYS B 95 1.63 -9.51 0.34
N ASP B 96 0.92 -9.12 -0.73
CA ASP B 96 0.98 -9.78 -2.02
C ASP B 96 2.41 -9.76 -2.55
N ASN B 97 2.95 -10.94 -2.84
CA ASN B 97 4.32 -11.11 -3.30
C ASN B 97 4.41 -10.78 -4.79
N ASN B 98 3.95 -9.59 -5.13
CA ASN B 98 4.10 -8.95 -6.43
C ASN B 98 5.14 -7.85 -6.30
N ASP B 99 6.08 -7.79 -7.24
CA ASP B 99 7.15 -6.82 -7.13
C ASP B 99 6.66 -5.37 -7.25
N SER B 100 5.42 -5.14 -7.68
CA SER B 100 4.87 -3.79 -7.72
C SER B 100 4.15 -3.39 -6.43
N VAL B 101 4.10 -4.27 -5.43
CA VAL B 101 3.32 -4.06 -4.23
C VAL B 101 4.28 -3.78 -3.07
N ALA B 102 4.02 -2.68 -2.35
CA ALA B 102 4.81 -2.27 -1.20
C ALA B 102 4.28 -2.95 0.07
N TYR B 103 5.13 -3.00 1.08
CA TYR B 103 4.62 -3.31 2.41
C TYR B 103 3.96 -2.10 3.05
N VAL B 104 2.80 -2.31 3.64
CA VAL B 104 2.10 -1.28 4.42
C VAL B 104 1.43 -1.96 5.62
N PRO B 105 1.17 -1.21 6.68
CA PRO B 105 0.56 -1.83 7.86
C PRO B 105 -0.86 -2.32 7.62
N ILE B 106 -1.19 -3.46 8.22
CA ILE B 106 -2.60 -3.86 8.36
C ILE B 106 -3.06 -3.58 9.78
N ASP B 107 -4.34 -3.81 10.03
CA ASP B 107 -4.92 -3.67 11.38
C ASP B 107 -4.72 -2.25 11.91
N VAL B 108 -4.93 -1.26 11.05
CA VAL B 108 -4.86 0.14 11.44
C VAL B 108 -6.18 0.82 11.05
N ASP B 109 -6.73 1.59 11.98
CA ASP B 109 -8.00 2.31 11.79
C ASP B 109 -9.15 1.44 11.29
N GLY B 113 -13.17 -5.50 11.48
CA GLY B 113 -11.99 -6.04 12.11
C GLY B 113 -10.84 -6.43 11.19
N ALA B 114 -11.14 -7.07 10.07
CA ALA B 114 -10.09 -7.61 9.22
C ALA B 114 -9.69 -6.61 8.13
N THR B 115 -8.52 -6.84 7.55
CA THR B 115 -7.92 -5.96 6.55
C THR B 115 -7.83 -6.67 5.20
N VAL B 116 -8.25 -5.99 4.14
CA VAL B 116 -7.98 -6.46 2.78
C VAL B 116 -6.49 -6.43 2.54
N ILE B 117 -5.91 -7.57 2.13
CA ILE B 117 -4.52 -7.60 1.70
C ILE B 117 -4.37 -7.85 0.19
N TYR B 118 -5.43 -8.31 -0.51
CA TYR B 118 -5.40 -8.51 -1.97
C TYR B 118 -6.82 -8.19 -2.44
N PRO B 119 -7.00 -7.37 -3.50
CA PRO B 119 -5.97 -6.61 -4.19
C PRO B 119 -5.27 -5.55 -3.34
N ALA B 120 -4.02 -5.26 -3.69
CA ALA B 120 -3.27 -4.13 -3.18
C ALA B 120 -2.94 -3.23 -4.37
N VAL B 121 -2.51 -2.01 -4.07
CA VAL B 121 -1.99 -1.15 -5.13
C VAL B 121 -0.80 -1.86 -5.75
N GLY B 122 -0.84 -2.07 -7.06
CA GLY B 122 0.21 -2.80 -7.74
C GLY B 122 -0.08 -4.24 -8.02
N SER B 123 -1.12 -4.82 -7.41
CA SER B 123 -1.45 -6.22 -7.65
C SER B 123 -1.90 -6.44 -9.08
N THR B 124 -1.76 -7.68 -9.54
CA THR B 124 -2.39 -8.12 -10.78
C THR B 124 -3.80 -8.60 -10.47
N VAL B 125 -4.78 -8.06 -11.21
CA VAL B 125 -6.20 -8.32 -10.93
C VAL B 125 -6.88 -8.63 -12.26
N ASN B 126 -7.22 -9.89 -12.48
CA ASN B 126 -8.01 -10.31 -13.62
C ASN B 126 -8.46 -11.74 -13.36
N HIS B 127 -9.31 -12.24 -14.24
CA HIS B 127 -9.91 -13.56 -14.04
C HIS B 127 -8.96 -14.71 -14.34
N ASN B 128 -7.72 -14.44 -14.73
CA ASN B 128 -6.70 -15.47 -14.83
C ASN B 128 -5.83 -15.58 -13.59
N VAL B 129 -6.08 -14.75 -12.57
CA VAL B 129 -5.31 -14.77 -11.33
C VAL B 129 -5.99 -15.82 -10.44
N ASP B 130 -5.57 -17.07 -10.57
CA ASP B 130 -6.10 -18.12 -9.71
C ASP B 130 -5.22 -18.37 -8.48
N ARG B 131 -4.10 -17.67 -8.37
CA ARG B 131 -3.12 -17.91 -7.32
C ARG B 131 -2.50 -16.59 -6.91
N VAL B 132 -2.46 -16.34 -5.60
CA VAL B 132 -1.77 -15.20 -5.02
C VAL B 132 -0.66 -15.74 -4.13
N SER B 133 0.57 -15.26 -4.37
CA SER B 133 1.71 -15.54 -3.51
C SER B 133 1.78 -14.51 -2.39
N LEU B 134 2.19 -14.94 -1.19
CA LEU B 134 2.24 -14.05 -0.05
C LEU B 134 3.65 -13.99 0.53
N LYS B 135 3.99 -12.84 1.08
CA LYS B 135 5.30 -12.60 1.67
C LYS B 135 5.13 -11.85 2.97
N GLY B 136 5.93 -12.19 3.98
CA GLY B 136 5.86 -11.55 5.27
C GLY B 136 7.22 -11.37 5.91
N LYS B 137 7.26 -10.52 6.93
CA LYS B 137 8.47 -10.24 7.70
C LYS B 137 8.04 -9.69 9.05
N VAL B 138 9.00 -9.60 9.97
N VAL B 138 8.98 -9.69 10.00
CA VAL B 138 8.73 -9.30 11.37
CA VAL B 138 8.68 -9.27 11.37
C VAL B 138 9.86 -8.49 11.96
C VAL B 138 9.84 -8.47 11.94
N VAL B 139 9.55 -7.74 13.02
CA VAL B 139 10.57 -7.04 13.79
C VAL B 139 10.12 -7.09 15.25
N PHE B 140 11.06 -7.32 16.15
CA PHE B 140 10.78 -7.40 17.57
C PHE B 140 11.17 -6.08 18.23
N VAL B 141 10.38 -5.67 19.22
CA VAL B 141 10.43 -4.33 19.80
C VAL B 141 10.38 -4.45 21.31
N VAL B 142 11.26 -3.70 21.98
CA VAL B 142 11.24 -3.63 23.44
C VAL B 142 9.99 -2.90 23.89
N THR B 143 9.25 -3.49 24.84
CA THR B 143 8.04 -2.87 25.35
C THR B 143 8.11 -2.55 26.83
N ASP B 144 9.14 -3.03 27.52
CA ASP B 144 9.38 -2.73 28.94
C ASP B 144 10.75 -2.07 29.04
N LYS B 145 10.80 -0.86 29.58
CA LYS B 145 12.06 -0.14 29.68
C LYS B 145 13.03 -0.78 30.67
N HIS B 146 12.58 -1.74 31.46
CA HIS B 146 13.42 -2.43 32.43
C HIS B 146 13.60 -3.88 32.04
N LEU B 147 13.76 -4.13 30.75
CA LEU B 147 13.84 -5.49 30.22
C LEU B 147 14.98 -6.26 30.87
N GLU B 148 14.64 -7.37 31.51
CA GLU B 148 15.64 -8.21 32.17
C GLU B 148 16.60 -8.81 31.15
N THR B 149 17.88 -8.89 31.53
CA THR B 149 18.85 -9.61 30.72
C THR B 149 18.57 -11.11 30.81
N GLY B 150 18.94 -11.83 29.75
CA GLY B 150 18.84 -13.26 29.75
C GLY B 150 18.38 -13.75 28.41
N VAL B 151 17.89 -14.99 28.40
CA VAL B 151 17.49 -15.67 27.16
C VAL B 151 15.97 -15.68 27.06
N TYR B 152 15.45 -15.08 25.98
CA TYR B 152 14.03 -15.05 25.69
C TYR B 152 13.74 -16.06 24.60
N ASN B 153 12.92 -17.05 24.91
CA ASN B 153 12.49 -18.04 23.93
C ASN B 153 11.10 -17.67 23.48
N ILE B 154 11.01 -17.11 22.28
CA ILE B 154 9.74 -16.72 21.70
C ILE B 154 9.06 -17.99 21.18
N PRO B 155 7.89 -18.33 21.70
CA PRO B 155 7.21 -19.55 21.23
C PRO B 155 6.67 -19.37 19.83
N TYR B 156 6.40 -20.49 19.17
CA TYR B 156 5.56 -20.46 17.96
C TYR B 156 4.30 -19.65 18.21
N THR B 157 4.01 -18.67 17.35
CA THR B 157 2.94 -17.72 17.62
C THR B 157 2.15 -17.43 16.36
N VAL B 158 0.85 -17.75 16.36
CA VAL B 158 0.02 -17.34 15.23
C VAL B 158 -0.25 -15.84 15.36
N ILE B 159 0.01 -15.09 14.30
CA ILE B 159 -0.16 -13.63 14.33
C ILE B 159 -1.27 -13.12 13.42
N ALA B 160 -1.79 -13.94 12.51
CA ALA B 160 -2.95 -13.53 11.73
C ALA B 160 -3.70 -14.74 11.23
N ASN B 161 -5.03 -14.63 11.16
N ASN B 161 -4.99 -14.53 11.00
CA ASN B 161 -5.80 -15.58 10.36
CA ASN B 161 -5.89 -15.49 10.39
C ASN B 161 -6.12 -14.89 9.03
C ASN B 161 -6.35 -14.93 9.04
N THR B 162 -6.09 -15.67 7.97
CA THR B 162 -6.32 -15.18 6.62
C THR B 162 -7.43 -15.99 5.97
N TRP B 163 -8.11 -15.39 5.00
CA TRP B 163 -9.11 -16.17 4.27
C TRP B 163 -9.37 -15.53 2.92
N SER B 164 -10.06 -16.30 2.08
CA SER B 164 -10.25 -15.91 0.68
C SER B 164 -11.71 -15.64 0.34
N GLU B 165 -11.89 -14.84 -0.70
N GLU B 165 -11.89 -14.84 -0.70
CA GLU B 165 -13.14 -14.77 -1.45
CA GLU B 165 -13.13 -14.75 -1.46
C GLU B 165 -12.79 -15.03 -2.91
C GLU B 165 -12.79 -15.02 -2.92
N TYR B 166 -13.14 -16.21 -3.40
CA TYR B 166 -12.84 -16.62 -4.77
C TYR B 166 -14.01 -16.32 -5.69
N GLY B 167 -13.71 -16.14 -6.98
CA GLY B 167 -14.73 -15.94 -8.00
C GLY B 167 -14.78 -17.08 -9.01
N GLY B 168 -15.83 -17.08 -9.82
CA GLY B 168 -16.00 -18.10 -10.84
C GLY B 168 -16.50 -19.41 -10.25
N GLY B 169 -16.13 -20.50 -10.91
CA GLY B 169 -16.55 -21.82 -10.49
C GLY B 169 -15.45 -22.52 -9.71
N HIS B 170 -15.50 -22.45 -8.38
CA HIS B 170 -14.44 -22.94 -7.52
C HIS B 170 -15.02 -23.92 -6.52
N LYS B 171 -14.13 -24.66 -5.85
CA LYS B 171 -14.54 -25.75 -4.97
C LYS B 171 -14.63 -25.33 -3.52
N GLY B 172 -14.49 -24.05 -3.23
CA GLY B 172 -14.69 -23.54 -1.88
C GLY B 172 -13.58 -22.60 -1.50
N ASN B 173 -13.91 -21.68 -0.62
CA ASN B 173 -12.91 -20.75 -0.11
C ASN B 173 -11.99 -21.43 0.89
N ASN B 174 -10.87 -20.78 1.13
CA ASN B 174 -9.88 -21.30 2.05
C ASN B 174 -9.63 -20.32 3.18
N THR B 175 -9.15 -20.88 4.29
CA THR B 175 -8.57 -20.08 5.35
CA THR B 175 -8.59 -20.11 5.38
C THR B 175 -7.14 -20.55 5.60
N SER B 176 -6.34 -19.68 6.18
CA SER B 176 -4.97 -20.04 6.50
C SER B 176 -4.50 -19.17 7.67
N ILE B 177 -3.20 -19.17 7.90
CA ILE B 177 -2.60 -18.46 9.02
C ILE B 177 -1.31 -17.80 8.59
N VAL B 178 -0.90 -16.83 9.39
CA VAL B 178 0.47 -16.35 9.42
C VAL B 178 0.99 -16.56 10.82
N ALA B 179 2.21 -17.07 10.94
CA ALA B 179 2.77 -17.42 12.24
C ALA B 179 4.25 -17.08 12.25
N ILE B 180 4.77 -16.90 13.47
CA ILE B 180 6.20 -16.76 13.71
C ILE B 180 6.72 -18.09 14.24
N ASN B 181 7.73 -18.64 13.54
CA ASN B 181 8.50 -19.80 13.98
C ASN B 181 9.25 -19.45 15.28
N PRO B 182 9.42 -20.41 16.20
CA PRO B 182 10.16 -20.10 17.44
C PRO B 182 11.50 -19.45 17.13
N VAL B 183 11.92 -18.53 18.00
CA VAL B 183 13.18 -17.83 17.84
C VAL B 183 13.68 -17.41 19.21
N THR B 184 14.99 -17.27 19.34
CA THR B 184 15.63 -16.86 20.59
C THR B 184 16.17 -15.44 20.48
N ILE B 185 15.94 -14.65 21.54
CA ILE B 185 16.54 -13.34 21.71
C ILE B 185 17.39 -13.39 22.97
N THR B 186 18.69 -13.15 22.82
CA THR B 186 19.57 -13.06 23.98
C THR B 186 19.80 -11.59 24.30
N ALA B 187 19.40 -11.18 25.50
CA ALA B 187 19.49 -9.80 25.93
C ALA B 187 20.63 -9.68 26.92
N HIS B 188 21.57 -8.79 26.64
CA HIS B 188 22.66 -8.47 27.56
C HIS B 188 22.45 -7.05 28.06
#